data_1KI0
#
_entry.id   1KI0
#
_cell.length_a   56.943
_cell.length_b   56.943
_cell.length_c   192.966
_cell.angle_alpha   90.00
_cell.angle_beta   90.00
_cell.angle_gamma   90.00
#
_symmetry.space_group_name_H-M   'P 41 21 2'
#
loop_
_entity.id
_entity.type
_entity.pdbx_description
1 polymer ANGIOSTATIN
2 non-polymer BICINE
3 water water
#
_entity_poly.entity_id   1
_entity_poly.type   'polypeptide(L)'
_entity_poly.pdbx_seq_one_letter_code
;LSECKTGNGKNYRGTMSKTKNGITCQKWSSTSPHRPRFSPATHPSEGLEENYCRNPDNDPQGPWCYTTDPEKRYDYCDIL
ECEEECMHCSGENYDGKISKTMSGLECQAWDSQSPHAHGYIPSKFPNKNLKKNYCRNPDRELRPWCFTTDPNKRWELCDI
PRCTTPPPSSGPTYQCLKGTGENYRGNVAVTVSGHTCQHWSAQTPHTHERTPENFPCKNLDENYCRNPDGKRAPWCHTTN
SQVRWEYCKIPSC
;
_entity_poly.pdbx_strand_id   A
#
loop_
_chem_comp.id
_chem_comp.type
_chem_comp.name
_chem_comp.formula
BCN non-polymer BICINE 'C6 H13 N O4'
#
# COMPACT_ATOMS: atom_id res chain seq x y z
N LEU A 1 4.21 -16.89 -6.11
CA LEU A 1 4.89 -15.89 -6.99
C LEU A 1 4.52 -14.46 -6.55
N SER A 2 5.18 -13.49 -7.19
CA SER A 2 5.00 -12.06 -6.95
C SER A 2 3.54 -11.62 -7.05
N GLU A 3 3.05 -10.96 -6.01
CA GLU A 3 1.65 -10.53 -6.01
C GLU A 3 1.32 -9.17 -6.66
N CYS A 4 2.16 -8.69 -7.58
CA CYS A 4 1.90 -7.43 -8.27
C CYS A 4 2.02 -7.77 -9.75
N LYS A 5 1.62 -6.85 -10.63
CA LYS A 5 1.65 -7.08 -12.08
C LYS A 5 2.37 -5.97 -12.83
N THR A 6 2.71 -6.26 -14.09
CA THR A 6 3.40 -5.33 -15.01
C THR A 6 2.67 -5.30 -16.36
N GLY A 7 2.64 -4.16 -17.03
CA GLY A 7 1.96 -4.07 -18.32
C GLY A 7 0.53 -4.62 -18.18
N ASN A 8 0.03 -5.36 -19.19
CA ASN A 8 -1.33 -5.94 -19.10
C ASN A 8 -1.38 -7.26 -18.28
N GLY A 9 -0.32 -7.52 -17.51
CA GLY A 9 -0.27 -8.71 -16.68
C GLY A 9 -0.23 -10.06 -17.36
N LYS A 10 0.19 -10.10 -18.63
CA LYS A 10 0.27 -11.36 -19.34
C LYS A 10 1.03 -12.44 -18.55
N ASN A 11 2.03 -12.00 -17.80
CA ASN A 11 2.85 -12.93 -17.03
C ASN A 11 2.64 -12.95 -15.53
N TYR A 12 1.54 -12.35 -15.08
CA TYR A 12 1.15 -12.30 -13.68
C TYR A 12 0.81 -13.70 -13.14
N ARG A 13 1.41 -14.07 -12.01
CA ARG A 13 1.13 -15.35 -11.39
C ARG A 13 0.88 -15.26 -9.87
N GLY A 14 0.30 -14.14 -9.46
CA GLY A 14 -0.06 -13.90 -8.07
C GLY A 14 -1.31 -14.67 -7.68
N THR A 15 -1.82 -14.44 -6.48
CA THR A 15 -3.00 -15.17 -6.03
C THR A 15 -4.30 -14.40 -5.85
N MET A 16 -4.47 -13.29 -6.56
CA MET A 16 -5.71 -12.53 -6.49
C MET A 16 -6.82 -13.45 -7.03
N SER A 17 -7.93 -13.55 -6.29
CA SER A 17 -9.07 -14.40 -6.62
C SER A 17 -10.47 -13.76 -6.54
N LYS A 18 -10.53 -12.41 -6.49
CA LYS A 18 -11.80 -11.66 -6.44
C LYS A 18 -11.73 -10.70 -7.61
N THR A 19 -12.88 -10.37 -8.20
CA THR A 19 -12.92 -9.42 -9.30
C THR A 19 -12.84 -8.03 -8.69
N LYS A 20 -12.64 -7.02 -9.53
CA LYS A 20 -12.55 -5.64 -9.04
C LYS A 20 -13.82 -5.20 -8.29
N ASN A 21 -14.89 -5.98 -8.38
CA ASN A 21 -16.13 -5.67 -7.69
C ASN A 21 -16.40 -6.61 -6.54
N GLY A 22 -15.35 -7.30 -6.10
CA GLY A 22 -15.44 -8.20 -4.98
C GLY A 22 -16.10 -9.55 -5.18
N ILE A 23 -16.32 -9.97 -6.42
CA ILE A 23 -16.93 -11.28 -6.62
C ILE A 23 -15.84 -12.34 -6.66
N THR A 24 -16.09 -13.47 -6.00
CA THR A 24 -15.13 -14.55 -5.98
C THR A 24 -15.00 -15.16 -7.38
N CYS A 25 -13.77 -15.36 -7.82
CA CYS A 25 -13.54 -15.96 -9.12
C CYS A 25 -13.98 -17.43 -9.12
N GLN A 26 -14.40 -17.91 -10.29
CA GLN A 26 -14.78 -19.33 -10.51
C GLN A 26 -13.48 -20.06 -10.82
N LYS A 27 -13.38 -21.33 -10.41
CA LYS A 27 -12.17 -22.09 -10.71
C LYS A 27 -12.09 -22.37 -12.21
N TRP A 28 -10.89 -22.25 -12.78
CA TRP A 28 -10.68 -22.47 -14.22
C TRP A 28 -10.98 -23.90 -14.68
N SER A 29 -10.96 -24.85 -13.73
CA SER A 29 -11.21 -26.27 -13.98
C SER A 29 -12.67 -26.65 -13.67
N SER A 30 -13.48 -25.62 -13.46
CA SER A 30 -14.87 -25.81 -13.13
C SER A 30 -15.72 -25.33 -14.29
N THR A 31 -16.91 -25.90 -14.45
CA THR A 31 -17.77 -25.49 -15.56
C THR A 31 -19.08 -24.94 -15.07
N SER A 32 -19.12 -24.55 -13.80
CA SER A 32 -20.31 -23.89 -13.21
C SER A 32 -19.89 -22.70 -12.33
N PRO A 33 -20.60 -21.56 -12.45
CA PRO A 33 -21.75 -21.29 -13.34
C PRO A 33 -21.45 -20.98 -14.81
N HIS A 34 -20.18 -20.88 -15.19
CA HIS A 34 -19.87 -20.61 -16.58
C HIS A 34 -18.91 -21.63 -17.21
N ARG A 35 -19.03 -21.79 -18.51
CA ARG A 35 -18.14 -22.69 -19.22
C ARG A 35 -16.97 -21.86 -19.76
N PRO A 36 -15.75 -22.11 -19.25
CA PRO A 36 -14.52 -21.42 -19.64
C PRO A 36 -14.10 -21.74 -21.07
N ARG A 37 -13.51 -20.78 -21.75
CA ARG A 37 -12.98 -20.98 -23.09
C ARG A 37 -11.48 -21.17 -22.96
N PHE A 38 -10.99 -20.97 -21.74
CA PHE A 38 -9.58 -21.11 -21.40
C PHE A 38 -9.50 -21.92 -20.11
N SER A 39 -8.74 -23.01 -20.16
CA SER A 39 -8.54 -23.84 -18.97
C SER A 39 -7.25 -24.59 -19.23
N PRO A 40 -6.70 -25.26 -18.21
CA PRO A 40 -5.44 -26.01 -18.37
C PRO A 40 -5.36 -27.03 -19.50
N ALA A 41 -6.48 -27.73 -19.80
CA ALA A 41 -6.48 -28.79 -20.82
C ALA A 41 -6.11 -28.22 -22.15
N THR A 42 -6.58 -27.00 -22.40
CA THR A 42 -6.33 -26.29 -23.66
C THR A 42 -5.27 -25.19 -23.62
N HIS A 43 -4.99 -24.64 -22.44
CA HIS A 43 -3.99 -23.58 -22.28
C HIS A 43 -3.14 -23.82 -21.04
N PRO A 44 -2.37 -24.92 -21.03
CA PRO A 44 -1.48 -25.32 -19.91
C PRO A 44 -0.33 -24.41 -19.55
N SER A 45 -0.02 -23.43 -20.39
CA SER A 45 1.08 -22.52 -20.13
C SER A 45 0.63 -21.11 -19.72
N GLU A 46 -0.65 -20.97 -19.36
CA GLU A 46 -1.21 -19.68 -18.97
C GLU A 46 -1.37 -19.53 -17.45
N GLY A 47 -0.99 -20.58 -16.71
CA GLY A 47 -1.10 -20.55 -15.26
C GLY A 47 -2.53 -20.54 -14.70
N LEU A 48 -3.45 -21.22 -15.38
CA LEU A 48 -4.85 -21.23 -14.96
C LEU A 48 -5.08 -22.19 -13.79
N GLU A 49 -4.45 -21.87 -12.66
CA GLU A 49 -4.51 -22.64 -11.44
C GLU A 49 -5.60 -22.10 -10.52
N GLU A 50 -6.23 -23.01 -9.76
CA GLU A 50 -7.28 -22.67 -8.79
C GLU A 50 -8.32 -21.74 -9.41
N ASN A 51 -8.44 -20.55 -8.81
CA ASN A 51 -9.36 -19.54 -9.31
C ASN A 51 -8.64 -18.19 -9.34
N TYR A 52 -7.35 -18.20 -9.65
CA TYR A 52 -6.59 -16.95 -9.72
C TYR A 52 -6.84 -16.12 -10.97
N CYS A 53 -6.73 -14.80 -10.85
CA CYS A 53 -6.90 -13.90 -12.00
C CYS A 53 -5.72 -14.08 -12.98
N ARG A 54 -6.06 -14.19 -14.26
CA ARG A 54 -5.04 -14.38 -15.28
C ARG A 54 -5.45 -13.69 -16.55
N ASN A 55 -4.53 -13.63 -17.50
CA ASN A 55 -4.82 -13.00 -18.77
C ASN A 55 -4.45 -14.01 -19.87
N PRO A 56 -5.21 -15.13 -19.98
CA PRO A 56 -4.87 -16.12 -21.01
C PRO A 56 -4.98 -15.64 -22.46
N ASP A 57 -5.75 -14.58 -22.69
CA ASP A 57 -5.96 -14.08 -24.05
C ASP A 57 -5.31 -12.74 -24.40
N ASN A 58 -4.35 -12.31 -23.59
CA ASN A 58 -3.63 -11.06 -23.84
C ASN A 58 -4.56 -9.84 -23.91
N ASP A 59 -5.55 -9.80 -23.02
CA ASP A 59 -6.52 -8.69 -22.96
C ASP A 59 -5.76 -7.40 -22.57
N PRO A 60 -5.90 -6.29 -23.34
CA PRO A 60 -5.18 -5.07 -22.98
C PRO A 60 -5.61 -4.53 -21.63
N GLN A 61 -6.78 -4.94 -21.15
CA GLN A 61 -7.26 -4.50 -19.85
C GLN A 61 -6.68 -5.30 -18.65
N GLY A 62 -5.74 -6.20 -18.94
CA GLY A 62 -5.09 -6.97 -17.88
C GLY A 62 -5.83 -8.21 -17.38
N PRO A 63 -5.31 -8.85 -16.31
CA PRO A 63 -5.88 -10.05 -15.68
C PRO A 63 -7.39 -9.99 -15.33
N TRP A 64 -8.06 -11.13 -15.51
CA TRP A 64 -9.49 -11.26 -15.26
C TRP A 64 -9.79 -12.69 -14.83
N CYS A 65 -11.06 -12.96 -14.54
CA CYS A 65 -11.45 -14.32 -14.18
C CYS A 65 -12.93 -14.58 -14.47
N TYR A 66 -13.32 -15.83 -14.67
CA TYR A 66 -14.74 -16.10 -14.84
C TYR A 66 -15.27 -15.91 -13.41
N THR A 67 -16.52 -15.47 -13.20
CA THR A 67 -16.98 -15.26 -11.83
C THR A 67 -18.04 -16.23 -11.37
N THR A 68 -18.14 -16.38 -10.04
CA THR A 68 -19.14 -17.28 -9.45
C THR A 68 -20.55 -16.68 -9.48
N ASP A 69 -20.69 -15.50 -10.08
CA ASP A 69 -22.00 -14.87 -10.19
C ASP A 69 -22.58 -15.28 -11.56
N PRO A 70 -23.70 -16.02 -11.55
CA PRO A 70 -24.37 -16.51 -12.75
C PRO A 70 -24.67 -15.39 -13.74
N GLU A 71 -24.80 -14.16 -13.25
CA GLU A 71 -25.11 -13.02 -14.09
C GLU A 71 -23.87 -12.30 -14.70
N LYS A 72 -22.68 -12.61 -14.18
CA LYS A 72 -21.43 -11.99 -14.65
C LYS A 72 -20.49 -13.09 -15.10
N ARG A 73 -20.37 -13.29 -16.41
CA ARG A 73 -19.49 -14.35 -16.98
C ARG A 73 -18.02 -14.18 -16.56
N TYR A 74 -17.48 -12.99 -16.74
CA TYR A 74 -16.10 -12.75 -16.31
C TYR A 74 -15.96 -11.27 -15.97
N ASP A 75 -14.86 -10.92 -15.29
CA ASP A 75 -14.56 -9.53 -14.97
C ASP A 75 -13.09 -9.39 -14.64
N TYR A 76 -12.59 -8.17 -14.83
CA TYR A 76 -11.21 -7.78 -14.55
C TYR A 76 -10.96 -7.71 -13.07
N CYS A 77 -9.71 -7.94 -12.68
CA CYS A 77 -9.40 -7.92 -11.26
C CYS A 77 -8.58 -6.69 -10.94
N ASP A 78 -8.52 -6.35 -9.66
CA ASP A 78 -7.77 -5.20 -9.17
C ASP A 78 -6.49 -5.72 -8.58
N ILE A 79 -5.41 -5.43 -9.29
CA ILE A 79 -4.11 -5.90 -8.90
C ILE A 79 -3.07 -4.78 -8.81
N LEU A 80 -2.27 -4.85 -7.76
CA LEU A 80 -1.20 -3.90 -7.50
C LEU A 80 -0.23 -3.84 -8.69
N GLU A 81 -0.02 -2.66 -9.25
CA GLU A 81 0.96 -2.51 -10.32
C GLU A 81 2.33 -2.54 -9.55
N CYS A 82 3.34 -3.25 -10.06
CA CYS A 82 4.63 -3.33 -9.36
C CYS A 82 5.38 -1.99 -9.31
N GLU A 83 5.97 -1.68 -8.15
CA GLU A 83 6.76 -0.46 -7.95
C GLU A 83 8.23 -0.85 -7.82
N GLU A 84 8.96 -0.81 -8.93
CA GLU A 84 10.37 -1.18 -8.95
C GLU A 84 11.34 -0.01 -9.13
N GLU A 85 11.10 0.85 -10.11
CA GLU A 85 12.00 1.98 -10.33
C GLU A 85 11.89 3.06 -9.28
N CYS A 86 10.67 3.32 -8.84
CA CYS A 86 10.39 4.35 -7.84
C CYS A 86 9.28 3.81 -6.92
N MET A 87 8.88 4.59 -5.92
CA MET A 87 7.81 4.17 -5.03
C MET A 87 6.71 5.23 -5.00
N HIS A 88 5.53 4.84 -4.54
CA HIS A 88 4.38 5.72 -4.40
C HIS A 88 4.12 5.88 -2.91
N CYS A 89 3.48 6.98 -2.54
CA CYS A 89 3.11 7.24 -1.15
C CYS A 89 4.30 7.07 -0.21
N SER A 90 4.22 6.20 0.78
CA SER A 90 5.38 6.05 1.65
C SER A 90 6.08 4.69 1.46
N GLY A 91 5.90 4.09 0.29
CA GLY A 91 6.54 2.84 -0.04
C GLY A 91 6.06 1.56 0.61
N GLU A 92 4.80 1.51 1.04
CA GLU A 92 4.28 0.30 1.64
C GLU A 92 4.27 -0.80 0.57
N ASN A 93 4.23 -0.40 -0.70
CA ASN A 93 4.22 -1.39 -1.77
C ASN A 93 5.46 -1.31 -2.60
N TYR A 94 6.52 -0.73 -2.04
CA TYR A 94 7.79 -0.64 -2.78
C TYR A 94 8.37 -2.05 -2.95
N ASP A 95 8.73 -2.42 -4.17
CA ASP A 95 9.24 -3.75 -4.44
C ASP A 95 10.51 -3.76 -5.31
N GLY A 96 11.28 -2.68 -5.20
CA GLY A 96 12.52 -2.58 -5.95
C GLY A 96 13.71 -3.24 -5.30
N LYS A 97 14.88 -2.96 -5.87
CA LYS A 97 16.13 -3.55 -5.43
C LYS A 97 17.15 -2.67 -4.71
N ILE A 98 16.80 -1.44 -4.37
CA ILE A 98 17.74 -0.62 -3.64
C ILE A 98 18.09 -1.29 -2.28
N SER A 99 19.38 -1.48 -2.03
CA SER A 99 19.82 -2.14 -0.82
C SER A 99 20.89 -1.38 -0.03
N LYS A 100 20.87 -0.06 -0.10
CA LYS A 100 21.81 0.80 0.65
C LYS A 100 20.99 1.86 1.37
N THR A 101 21.43 2.27 2.57
CA THR A 101 20.68 3.28 3.33
C THR A 101 21.08 4.72 2.99
N MET A 102 20.40 5.68 3.62
CA MET A 102 20.70 7.11 3.39
C MET A 102 22.19 7.40 3.46
N SER A 103 22.83 6.97 4.53
CA SER A 103 24.24 7.21 4.76
C SER A 103 25.17 6.33 3.93
N GLY A 104 24.59 5.47 3.09
CA GLY A 104 25.41 4.62 2.23
C GLY A 104 25.75 3.25 2.75
N LEU A 105 25.08 2.79 3.79
CA LEU A 105 25.40 1.48 4.34
C LEU A 105 24.69 0.35 3.58
N GLU A 106 25.34 -0.80 3.48
CA GLU A 106 24.76 -1.95 2.81
C GLU A 106 23.78 -2.54 3.79
N CYS A 107 22.63 -2.92 3.27
CA CYS A 107 21.58 -3.52 4.06
C CYS A 107 21.87 -4.96 4.50
N GLN A 108 21.49 -5.28 5.73
CA GLN A 108 21.57 -6.64 6.24
C GLN A 108 20.35 -7.40 5.59
N ALA A 109 20.50 -8.70 5.32
CA ALA A 109 19.40 -9.46 4.72
C ALA A 109 18.31 -9.74 5.78
N TRP A 110 17.06 -9.67 5.36
CA TRP A 110 15.91 -9.92 6.24
C TRP A 110 15.92 -11.35 6.86
N ASP A 111 16.45 -12.32 6.10
CA ASP A 111 16.55 -13.73 6.54
C ASP A 111 17.81 -14.01 7.37
N SER A 112 18.54 -12.96 7.70
CA SER A 112 19.74 -13.07 8.53
C SER A 112 19.46 -12.36 9.87
N GLN A 113 20.00 -12.92 10.94
CA GLN A 113 19.85 -12.41 12.31
C GLN A 113 21.19 -11.78 12.76
N SER A 114 22.10 -11.60 11.82
CA SER A 114 23.40 -11.06 12.12
C SER A 114 23.69 -9.90 11.16
N PRO A 115 24.29 -8.79 11.66
CA PRO A 115 24.71 -8.57 13.04
C PRO A 115 23.59 -8.17 13.99
N HIS A 116 22.42 -7.86 13.45
CA HIS A 116 21.32 -7.43 14.31
C HIS A 116 20.23 -8.45 14.41
N ALA A 117 19.84 -8.79 15.65
CA ALA A 117 18.76 -9.76 15.86
C ALA A 117 17.43 -9.00 15.74
N HIS A 118 16.43 -9.62 15.11
CA HIS A 118 15.15 -8.92 14.90
C HIS A 118 13.93 -9.81 14.70
N GLY A 119 12.76 -9.19 14.51
CA GLY A 119 11.54 -9.95 14.34
C GLY A 119 10.89 -9.91 12.96
N TYR A 120 11.49 -9.22 12.01
CA TYR A 120 10.96 -9.14 10.64
C TYR A 120 11.42 -10.37 9.83
N ILE A 121 11.05 -11.55 10.33
CA ILE A 121 11.42 -12.82 9.68
C ILE A 121 10.51 -13.04 8.48
N PRO A 122 11.07 -13.07 7.25
CA PRO A 122 10.24 -13.24 6.05
C PRO A 122 9.14 -14.31 6.12
N SER A 123 9.41 -15.49 6.70
CA SER A 123 8.39 -16.52 6.75
C SER A 123 7.29 -16.25 7.78
N LYS A 124 7.54 -15.32 8.69
CA LYS A 124 6.55 -14.94 9.69
C LYS A 124 5.64 -13.85 9.07
N PHE A 125 6.18 -13.10 8.09
CA PHE A 125 5.48 -12.03 7.38
C PHE A 125 5.65 -12.27 5.88
N PRO A 126 5.12 -13.39 5.38
CA PRO A 126 5.23 -13.79 3.98
C PRO A 126 4.64 -12.89 2.92
N ASN A 127 3.74 -11.99 3.28
CA ASN A 127 3.17 -11.11 2.27
C ASN A 127 3.83 -9.76 2.26
N LYS A 128 4.89 -9.59 3.05
CA LYS A 128 5.59 -8.31 3.13
C LYS A 128 6.74 -8.06 2.14
N ASN A 129 7.03 -9.05 1.29
CA ASN A 129 8.10 -8.93 0.31
C ASN A 129 9.46 -8.67 0.94
N LEU A 130 9.74 -9.29 2.07
CA LEU A 130 11.02 -9.13 2.73
C LEU A 130 12.06 -9.97 2.01
N LYS A 131 12.47 -9.52 0.83
CA LYS A 131 13.43 -10.23 0.00
C LYS A 131 14.88 -9.79 0.09
N LYS A 132 15.80 -10.76 0.05
CA LYS A 132 17.22 -10.50 0.08
C LYS A 132 17.51 -9.43 1.12
N ASN A 133 18.12 -8.33 0.67
CA ASN A 133 18.41 -7.24 1.59
C ASN A 133 17.90 -5.94 1.00
N TYR A 134 16.73 -5.98 0.38
CA TYR A 134 16.15 -4.80 -0.24
C TYR A 134 15.42 -3.93 0.77
N CYS A 135 15.55 -2.61 0.65
CA CYS A 135 14.85 -1.71 1.56
C CYS A 135 13.33 -1.92 1.43
N ARG A 136 12.63 -1.99 2.56
CA ARG A 136 11.19 -2.18 2.55
C ARG A 136 10.51 -1.38 3.68
N ASN A 137 9.21 -1.14 3.57
CA ASN A 137 8.47 -0.48 4.63
C ASN A 137 7.26 -1.40 4.99
N PRO A 138 7.55 -2.53 5.66
CA PRO A 138 6.54 -3.54 6.08
C PRO A 138 5.49 -3.08 7.06
N ASP A 139 5.85 -2.18 7.95
CA ASP A 139 4.87 -1.76 8.91
C ASP A 139 5.06 -0.37 9.47
N ARG A 140 4.61 0.60 8.70
CA ARG A 140 4.54 1.97 9.14
C ARG A 140 5.74 2.82 9.56
N GLU A 141 6.77 2.88 8.73
CA GLU A 141 7.90 3.76 8.99
C GLU A 141 7.70 4.90 8.00
N LEU A 142 8.58 5.88 8.02
CA LEU A 142 8.45 7.04 7.12
C LEU A 142 8.65 6.70 5.66
N ARG A 143 9.46 5.66 5.38
CA ARG A 143 9.72 5.22 4.01
C ARG A 143 10.46 3.90 4.15
N PRO A 144 10.82 3.26 3.01
CA PRO A 144 11.54 1.98 3.10
C PRO A 144 12.87 2.10 3.83
N TRP A 145 13.20 1.06 4.58
CA TRP A 145 14.41 1.03 5.37
C TRP A 145 14.95 -0.40 5.43
N CYS A 146 16.03 -0.60 6.19
CA CYS A 146 16.58 -1.94 6.40
C CYS A 146 17.51 -1.95 7.60
N PHE A 147 17.73 -3.13 8.16
CA PHE A 147 18.72 -3.32 9.23
C PHE A 147 20.02 -3.15 8.45
N THR A 148 21.12 -2.68 9.06
CA THR A 148 22.37 -2.53 8.27
C THR A 148 23.47 -3.50 8.69
N THR A 149 24.45 -3.66 7.81
CA THR A 149 25.54 -4.57 8.09
C THR A 149 26.54 -3.96 9.06
N ASP A 150 26.36 -2.68 9.40
CA ASP A 150 27.24 -2.03 10.40
C ASP A 150 26.65 -2.30 11.81
N PRO A 151 27.43 -2.95 12.69
CA PRO A 151 26.96 -3.25 14.05
C PRO A 151 26.60 -1.98 14.79
N ASN A 152 27.18 -0.85 14.35
CA ASN A 152 26.96 0.45 15.01
C ASN A 152 25.76 1.23 14.53
N LYS A 153 24.96 0.62 13.66
CA LYS A 153 23.77 1.30 13.16
C LYS A 153 22.78 0.16 12.97
N ARG A 154 21.85 -0.01 13.91
CA ARG A 154 20.90 -1.13 13.81
C ARG A 154 20.08 -1.09 12.51
N TRP A 155 19.54 0.07 12.19
CA TRP A 155 18.75 0.22 10.98
C TRP A 155 18.80 1.68 10.53
N GLU A 156 18.40 1.95 9.29
CA GLU A 156 18.36 3.31 8.79
C GLU A 156 17.42 3.39 7.58
N LEU A 157 16.83 4.55 7.34
CA LEU A 157 15.94 4.73 6.20
C LEU A 157 16.77 4.73 4.90
N CYS A 158 16.12 4.42 3.80
CA CYS A 158 16.77 4.38 2.50
C CYS A 158 16.29 5.53 1.62
N ASP A 159 17.09 5.90 0.62
CA ASP A 159 16.72 6.99 -0.28
C ASP A 159 16.05 6.38 -1.49
N ILE A 160 14.72 6.29 -1.48
CA ILE A 160 13.99 5.70 -2.63
C ILE A 160 13.33 6.79 -3.52
N PRO A 161 13.56 6.75 -4.84
CA PRO A 161 12.97 7.75 -5.75
C PRO A 161 11.43 7.69 -5.73
N ARG A 162 10.79 8.86 -5.65
CA ARG A 162 9.32 8.92 -5.62
C ARG A 162 8.78 9.01 -7.04
N CYS A 163 7.77 8.22 -7.33
CA CYS A 163 7.18 8.20 -8.66
C CYS A 163 6.49 9.51 -8.90
N THR A 164 6.67 10.06 -10.10
CA THR A 164 6.05 11.33 -10.48
C THR A 164 4.64 11.20 -11.09
N THR A 165 4.29 10.00 -11.56
CA THR A 165 2.97 9.75 -12.14
C THR A 165 1.86 9.71 -11.04
N PRO A 166 0.58 9.61 -11.44
CA PRO A 166 -0.43 9.58 -10.38
C PRO A 166 -0.31 8.31 -9.55
N PRO A 167 -0.69 8.38 -8.27
CA PRO A 167 -0.63 7.25 -7.33
C PRO A 167 -1.76 6.28 -7.55
N PRO A 168 -1.66 5.09 -6.96
CA PRO A 168 -2.70 4.06 -7.08
C PRO A 168 -4.02 4.65 -6.57
N SER A 169 -5.13 4.38 -7.26
CA SER A 169 -6.40 4.90 -6.78
C SER A 169 -6.67 4.20 -5.45
N SER A 170 -7.08 4.97 -4.45
CA SER A 170 -7.34 4.41 -3.13
C SER A 170 -8.80 4.43 -2.80
N GLY A 171 -9.65 4.44 -3.83
CA GLY A 171 -11.07 4.48 -3.57
C GLY A 171 -11.51 5.92 -3.43
N PRO A 172 -12.74 6.17 -2.96
CA PRO A 172 -13.28 7.52 -2.79
C PRO A 172 -12.93 8.24 -1.49
N THR A 173 -12.92 9.58 -1.57
CA THR A 173 -12.64 10.41 -0.40
C THR A 173 -13.93 11.17 -0.12
N TYR A 174 -14.07 11.68 1.10
CA TYR A 174 -15.27 12.38 1.47
C TYR A 174 -15.05 13.71 2.17
N GLN A 175 -16.02 14.62 2.01
CA GLN A 175 -15.96 15.92 2.67
C GLN A 175 -16.79 15.81 3.95
N CYS A 176 -17.10 14.57 4.35
CA CYS A 176 -17.87 14.27 5.56
C CYS A 176 -17.27 13.00 6.16
N LEU A 177 -17.55 12.78 7.43
CA LEU A 177 -17.00 11.62 8.14
C LEU A 177 -17.63 10.26 7.83
N LYS A 178 -16.77 9.31 7.43
CA LYS A 178 -17.15 7.93 7.14
C LYS A 178 -16.13 7.02 7.81
N GLY A 179 -16.55 6.31 8.85
CA GLY A 179 -15.62 5.41 9.52
C GLY A 179 -14.62 6.13 10.40
N THR A 180 -13.34 5.81 10.26
CA THR A 180 -12.30 6.46 11.07
C THR A 180 -11.71 7.68 10.34
N GLY A 181 -12.42 8.16 9.32
CA GLY A 181 -11.97 9.32 8.58
C GLY A 181 -10.69 9.17 7.78
N GLU A 182 -10.28 7.94 7.50
CA GLU A 182 -9.06 7.80 6.72
C GLU A 182 -9.24 8.42 5.34
N ASN A 183 -10.48 8.44 4.83
CA ASN A 183 -10.78 8.99 3.50
C ASN A 183 -11.28 10.42 3.53
N TYR A 184 -11.22 11.08 4.68
CA TYR A 184 -11.66 12.46 4.78
C TYR A 184 -10.71 13.42 4.04
N ARG A 185 -11.28 14.35 3.29
CA ARG A 185 -10.53 15.33 2.53
C ARG A 185 -11.23 16.68 2.61
N GLY A 186 -12.02 16.87 3.66
CA GLY A 186 -12.72 18.14 3.82
C GLY A 186 -11.80 19.28 4.28
N ASN A 187 -12.37 20.41 4.74
CA ASN A 187 -11.54 21.54 5.18
C ASN A 187 -11.66 21.96 6.64
N VAL A 188 -12.23 21.12 7.50
CA VAL A 188 -12.32 21.47 8.92
C VAL A 188 -10.92 21.62 9.52
N ALA A 189 -10.68 22.72 10.25
CA ALA A 189 -9.37 23.02 10.82
C ALA A 189 -9.39 23.38 12.31
N VAL A 190 -10.31 22.78 13.04
CA VAL A 190 -10.41 23.03 14.47
C VAL A 190 -10.67 21.69 15.15
N THR A 191 -10.19 21.50 16.38
CA THR A 191 -10.39 20.25 17.09
C THR A 191 -11.70 20.25 17.90
N VAL A 192 -12.00 19.14 18.57
CA VAL A 192 -13.22 19.03 19.37
C VAL A 192 -13.25 19.95 20.58
N SER A 193 -12.11 20.13 21.24
CA SER A 193 -12.11 21.00 22.38
C SER A 193 -11.93 22.46 21.95
N GLY A 194 -11.98 22.69 20.63
CA GLY A 194 -11.90 24.03 20.07
C GLY A 194 -10.56 24.58 19.63
N HIS A 195 -9.52 23.77 19.62
CA HIS A 195 -8.16 24.21 19.25
C HIS A 195 -7.91 24.47 17.76
N THR A 196 -6.99 25.40 17.47
CA THR A 196 -6.68 25.67 16.07
C THR A 196 -5.61 24.67 15.58
N CYS A 197 -5.86 24.06 14.42
CA CYS A 197 -4.92 23.09 13.89
C CYS A 197 -3.66 23.77 13.42
N GLN A 198 -2.53 23.10 13.68
CA GLN A 198 -1.24 23.58 13.22
C GLN A 198 -1.10 23.07 11.77
N HIS A 199 -0.56 23.89 10.86
CA HIS A 199 -0.38 23.43 9.48
C HIS A 199 0.54 22.22 9.53
N TRP A 200 0.23 21.19 8.75
CA TRP A 200 1.07 19.97 8.69
C TRP A 200 2.51 20.26 8.18
N SER A 201 2.65 21.26 7.31
CA SER A 201 3.95 21.66 6.76
C SER A 201 4.79 22.50 7.76
N ALA A 202 4.24 22.81 8.93
CA ALA A 202 4.95 23.62 9.92
C ALA A 202 5.43 22.78 11.10
N GLN A 203 6.48 23.24 11.76
CA GLN A 203 7.06 22.54 12.90
C GLN A 203 6.95 23.31 14.20
N THR A 204 5.99 24.23 14.30
CA THR A 204 5.83 25.00 15.51
C THR A 204 4.34 25.17 15.65
N PRO A 205 3.81 25.11 16.87
CA PRO A 205 4.58 24.89 18.10
C PRO A 205 5.05 23.47 18.34
N HIS A 206 4.67 22.52 17.49
CA HIS A 206 5.12 21.14 17.71
C HIS A 206 5.85 20.50 16.55
N THR A 207 6.95 19.79 16.89
CA THR A 207 7.74 19.12 15.87
C THR A 207 7.09 17.76 15.62
N HIS A 208 7.13 17.32 14.37
CA HIS A 208 6.50 16.06 14.02
C HIS A 208 6.99 15.57 12.62
N GLU A 209 6.55 14.38 12.23
CA GLU A 209 6.96 13.80 10.95
C GLU A 209 5.80 13.58 9.99
N ARG A 210 4.60 13.97 10.40
CA ARG A 210 3.41 13.84 9.55
C ARG A 210 3.32 15.04 8.64
N THR A 211 4.27 15.08 7.69
CA THR A 211 4.40 16.16 6.70
C THR A 211 3.99 15.73 5.28
N PRO A 212 3.56 16.69 4.46
CA PRO A 212 3.15 16.40 3.09
C PRO A 212 4.26 15.67 2.33
N GLU A 213 5.51 15.96 2.70
CA GLU A 213 6.65 15.33 2.04
C GLU A 213 6.69 13.84 2.36
N ASN A 214 6.54 13.49 3.64
CA ASN A 214 6.60 12.09 4.02
C ASN A 214 5.35 11.30 3.63
N PHE A 215 4.21 12.00 3.64
CA PHE A 215 2.95 11.33 3.35
C PHE A 215 2.15 12.01 2.25
N PRO A 216 2.70 12.04 1.03
CA PRO A 216 2.07 12.67 -0.13
C PRO A 216 0.65 12.19 -0.47
N CYS A 217 0.39 10.90 -0.30
CA CYS A 217 -0.94 10.38 -0.60
C CYS A 217 -1.95 10.56 0.54
N LYS A 218 -1.63 11.35 1.57
CA LYS A 218 -2.57 11.52 2.68
C LYS A 218 -3.24 12.91 2.68
N ASN A 219 -2.82 13.74 1.73
CA ASN A 219 -3.33 15.09 1.56
C ASN A 219 -3.38 15.90 2.86
N LEU A 220 -2.20 16.04 3.45
CA LEU A 220 -1.96 16.76 4.68
C LEU A 220 -1.78 18.22 4.28
N ASP A 221 -2.83 18.79 3.70
CA ASP A 221 -2.83 20.17 3.23
C ASP A 221 -3.27 21.16 4.28
N GLU A 222 -2.76 22.39 4.14
CA GLU A 222 -2.98 23.49 5.08
C GLU A 222 -2.94 22.92 6.49
N ASN A 223 -3.99 23.16 7.26
CA ASN A 223 -4.04 22.63 8.61
C ASN A 223 -5.36 21.91 8.78
N TYR A 224 -5.81 21.24 7.70
CA TYR A 224 -7.06 20.48 7.76
C TYR A 224 -6.95 19.18 8.58
N CYS A 225 -7.97 18.86 9.35
CA CYS A 225 -7.95 17.61 10.10
C CYS A 225 -7.83 16.43 9.10
N ARG A 226 -7.03 15.45 9.48
CA ARG A 226 -6.77 14.30 8.64
C ARG A 226 -6.50 13.11 9.55
N ASN A 227 -6.69 11.90 9.04
CA ASN A 227 -6.33 10.73 9.85
C ASN A 227 -5.34 9.94 8.96
N PRO A 228 -4.11 10.46 8.81
CA PRO A 228 -3.07 9.85 7.99
C PRO A 228 -2.52 8.55 8.57
N ASP A 229 -2.62 8.38 9.88
CA ASP A 229 -2.14 7.15 10.49
C ASP A 229 -3.32 6.26 10.89
N GLY A 230 -3.17 5.41 11.88
CA GLY A 230 -4.30 4.54 12.19
C GLY A 230 -5.14 4.92 13.39
N LYS A 231 -5.52 6.19 13.50
CA LYS A 231 -6.31 6.65 14.63
C LYS A 231 -7.83 6.45 14.51
N ARG A 232 -8.53 6.72 15.61
CA ARG A 232 -9.98 6.58 15.71
C ARG A 232 -10.78 7.53 14.78
N ALA A 233 -10.31 8.77 14.62
CA ALA A 233 -10.99 9.74 13.78
C ALA A 233 -9.97 10.79 13.33
N PRO A 234 -10.39 11.72 12.47
CA PRO A 234 -9.43 12.74 12.04
C PRO A 234 -8.87 13.50 13.26
N TRP A 235 -7.67 14.04 13.11
CA TRP A 235 -7.00 14.78 14.16
C TRP A 235 -6.01 15.79 13.54
N CYS A 236 -5.31 16.51 14.39
CA CYS A 236 -4.31 17.47 13.96
C CYS A 236 -3.48 17.93 15.16
N HIS A 237 -2.27 18.40 14.90
CA HIS A 237 -1.43 18.97 15.95
C HIS A 237 -2.09 20.34 16.19
N THR A 238 -2.01 20.89 17.39
CA THR A 238 -2.65 22.19 17.58
C THR A 238 -1.65 23.37 17.74
N THR A 239 -2.10 24.58 17.46
CA THR A 239 -1.20 25.73 17.62
C THR A 239 -1.09 26.10 19.12
N ASN A 240 -1.78 25.32 19.96
CA ASN A 240 -1.75 25.50 21.41
C ASN A 240 -0.48 24.85 21.91
N SER A 241 0.43 25.63 22.47
CA SER A 241 1.67 25.04 22.94
C SER A 241 1.44 23.95 24.00
N GLN A 242 0.26 23.90 24.61
CA GLN A 242 0.02 22.90 25.67
C GLN A 242 -0.71 21.63 25.27
N VAL A 243 -1.16 21.56 24.04
CA VAL A 243 -1.86 20.37 23.59
C VAL A 243 -1.19 20.00 22.29
N ARG A 244 -0.31 19.00 22.35
CA ARG A 244 0.40 18.55 21.16
C ARG A 244 -0.55 18.23 20.01
N TRP A 245 -1.54 17.36 20.27
CA TRP A 245 -2.52 16.99 19.24
C TRP A 245 -3.88 16.67 19.84
N GLU A 246 -4.91 16.63 19.01
CA GLU A 246 -6.25 16.30 19.47
C GLU A 246 -7.13 15.87 18.30
N TYR A 247 -8.17 15.11 18.61
CA TYR A 247 -9.12 14.66 17.59
C TYR A 247 -10.07 15.77 17.21
N CYS A 248 -10.50 15.76 15.97
CA CYS A 248 -11.44 16.75 15.45
C CYS A 248 -12.81 16.07 15.42
N LYS A 249 -13.88 16.84 15.41
CA LYS A 249 -15.22 16.26 15.37
C LYS A 249 -15.82 16.54 14.00
N ILE A 250 -15.64 15.56 13.09
CA ILE A 250 -16.11 15.66 11.72
C ILE A 250 -17.53 15.07 11.53
N PRO A 251 -18.45 15.86 10.95
CA PRO A 251 -19.81 15.36 10.76
C PRO A 251 -19.84 14.12 9.86
N SER A 252 -20.46 13.05 10.37
CA SER A 252 -20.60 11.80 9.61
C SER A 252 -21.28 12.06 8.26
N CYS A 253 -21.10 11.17 7.28
CA CYS A 253 -21.72 11.38 5.98
C CYS A 253 -23.24 11.15 5.95
N1 BCN B . 12.52 -1.03 14.41
C1 BCN B . 12.43 -2.45 14.72
C2 BCN B . 13.75 -2.97 15.25
O21 BCN B . 13.86 -4.19 15.43
O22 BCN B . 14.66 -2.16 15.49
C3 BCN B . 11.19 -0.47 14.73
C4 BCN B . 11.34 0.76 15.56
O4 BCN B . 10.51 1.75 14.99
C5 BCN B . 12.89 -0.93 12.96
C6 BCN B . 12.41 0.31 12.23
O6 BCN B . 11.05 0.18 11.93
N1 BCN C . -14.14 -13.00 -23.27
C1 BCN C . -15.57 -13.11 -23.49
C2 BCN C . -16.15 -14.37 -22.87
O21 BCN C . -17.40 -14.42 -22.74
O22 BCN C . -15.37 -15.33 -22.51
C3 BCN C . -13.83 -12.63 -21.85
C4 BCN C . -12.46 -13.09 -21.40
O4 BCN C . -11.90 -14.01 -22.32
C5 BCN C . -13.56 -12.01 -24.23
C6 BCN C . -13.98 -10.57 -23.92
O6 BCN C . -12.81 -9.79 -23.78
N1 BCN D . 1.56 12.02 17.61
C1 BCN D . 1.35 13.02 16.60
C2 BCN D . 2.58 13.14 15.71
O21 BCN D . 2.44 13.00 14.48
O22 BCN D . 3.67 13.41 16.23
C3 BCN D . 0.32 11.28 17.82
C4 BCN D . 0.60 9.84 18.19
O4 BCN D . 0.54 9.70 19.61
C5 BCN D . 1.99 12.65 18.87
C6 BCN D . 3.34 12.08 19.31
O6 BCN D . 3.33 11.92 20.72
#